data_2HJ3
#
_entry.id   2HJ3
#
_cell.length_a   82.840
_cell.length_b   82.840
_cell.length_c   160.813
_cell.angle_alpha   90.00
_cell.angle_beta   90.00
_cell.angle_gamma   120.00
#
_symmetry.space_group_name_H-M   'P 65 2 2'
#
loop_
_entity.id
_entity.type
_entity.pdbx_description
1 polymer 'Sulfhydryl oxidase Erv1p'
2 non-polymer 'SULFATE ION'
3 non-polymer 'FLAVIN-ADENINE DINUCLEOTIDE'
4 water water
#
_entity_poly.entity_id   1
_entity_poly.type   'polypeptide(L)'
_entity_poly.pdbx_seq_one_letter_code
;GSHMTGPVTKEDLGRATWTFLHTLAAQYPEKPTRQQKKDVKELMTILSRMYPCRECADHFKEILRSNPAQAGSQEEFSQW
LCHVHNTVNRSLGKLVFPCERVDARWGKLECEQKSCDLHGTSMDF
;
_entity_poly.pdbx_strand_id   A,B
#
# COMPACT_ATOMS: atom_id res chain seq x y z
N PRO A 7 7.81 -16.99 5.49
CA PRO A 7 8.03 -15.58 5.89
C PRO A 7 6.77 -14.75 5.66
N VAL A 8 6.61 -13.68 6.43
CA VAL A 8 5.45 -12.80 6.31
C VAL A 8 4.12 -13.56 6.36
N THR A 9 3.50 -13.55 7.52
CA THR A 9 2.21 -14.22 7.72
C THR A 9 1.09 -13.24 7.43
N LYS A 10 -0.14 -13.74 7.47
CA LYS A 10 -1.32 -12.92 7.25
C LYS A 10 -1.27 -11.71 8.20
N GLU A 11 -0.77 -11.94 9.41
CA GLU A 11 -0.69 -10.88 10.41
C GLU A 11 0.39 -9.85 10.10
N ASP A 12 1.55 -10.30 9.63
CA ASP A 12 2.63 -9.37 9.30
C ASP A 12 2.20 -8.45 8.15
N LEU A 13 1.49 -9.03 7.18
CA LEU A 13 1.01 -8.27 6.04
C LEU A 13 0.04 -7.20 6.53
N GLY A 14 -0.93 -7.64 7.33
CA GLY A 14 -1.93 -6.73 7.88
C GLY A 14 -1.32 -5.57 8.63
N ARG A 15 -0.38 -5.84 9.54
CA ARG A 15 0.25 -4.78 10.32
C ARG A 15 1.02 -3.79 9.46
N ALA A 16 1.71 -4.32 8.44
CA ALA A 16 2.47 -3.49 7.53
C ALA A 16 1.52 -2.58 6.74
N THR A 17 0.50 -3.18 6.16
CA THR A 17 -0.47 -2.44 5.37
C THR A 17 -1.21 -1.37 6.18
N TRP A 18 -1.70 -1.74 7.37
CA TRP A 18 -2.41 -0.75 8.19
C TRP A 18 -1.48 0.45 8.47
N THR A 19 -0.23 0.17 8.80
CA THR A 19 0.74 1.24 9.07
C THR A 19 0.83 2.16 7.86
N PHE A 20 0.93 1.56 6.68
CA PHE A 20 1.01 2.32 5.44
C PHE A 20 -0.29 3.11 5.22
N LEU A 21 -1.43 2.43 5.32
CA LEU A 21 -2.71 3.09 5.11
C LEU A 21 -2.99 4.21 6.13
N HIS A 22 -2.90 3.91 7.42
CA HIS A 22 -3.15 4.95 8.42
C HIS A 22 -2.12 6.07 8.34
N THR A 23 -0.87 5.74 8.04
CA THR A 23 0.13 6.81 7.94
C THR A 23 -0.24 7.68 6.75
N LEU A 24 -0.73 7.03 5.71
CA LEU A 24 -1.13 7.74 4.51
C LEU A 24 -2.30 8.68 4.80
N ALA A 25 -3.28 8.21 5.57
CA ALA A 25 -4.43 9.04 5.90
C ALA A 25 -4.03 10.16 6.86
N ALA A 26 -2.93 9.99 7.57
CA ALA A 26 -2.46 11.01 8.51
C ALA A 26 -1.84 12.18 7.75
N GLN A 27 -1.33 11.90 6.54
CA GLN A 27 -0.70 12.90 5.68
C GLN A 27 -1.67 13.49 4.64
N TYR A 28 -2.81 12.84 4.45
CA TYR A 28 -3.80 13.32 3.49
C TYR A 28 -4.07 14.80 3.73
N PRO A 29 -4.12 15.61 2.67
CA PRO A 29 -4.37 17.05 2.86
C PRO A 29 -5.75 17.45 3.38
N GLU A 30 -5.79 18.58 4.06
CA GLU A 30 -7.03 19.11 4.61
C GLU A 30 -7.96 19.40 3.45
N LYS A 31 -7.42 20.09 2.44
CA LYS A 31 -8.15 20.43 1.23
C LYS A 31 -7.43 19.73 0.08
N PRO A 32 -7.77 18.46 -0.18
CA PRO A 32 -7.15 17.68 -1.24
C PRO A 32 -7.55 18.13 -2.64
N THR A 33 -6.65 17.92 -3.60
CA THR A 33 -6.94 18.26 -4.99
C THR A 33 -7.83 17.17 -5.55
N ARG A 34 -8.35 17.41 -6.75
CA ARG A 34 -9.22 16.46 -7.41
C ARG A 34 -8.50 15.14 -7.67
N GLN A 35 -7.20 15.21 -7.96
CA GLN A 35 -6.44 14.00 -8.23
C GLN A 35 -6.14 13.21 -6.97
N GLN A 36 -5.75 13.90 -5.90
CA GLN A 36 -5.46 13.23 -4.65
C GLN A 36 -6.68 12.46 -4.16
N LYS A 37 -7.86 13.04 -4.38
CA LYS A 37 -9.10 12.41 -3.97
C LYS A 37 -9.30 11.15 -4.82
N LYS A 38 -9.06 11.29 -6.12
CA LYS A 38 -9.21 10.19 -7.06
C LYS A 38 -8.23 9.04 -6.79
N ASP A 39 -6.99 9.37 -6.47
CA ASP A 39 -6.00 8.32 -6.20
C ASP A 39 -6.33 7.52 -4.95
N VAL A 40 -6.75 8.23 -3.90
CA VAL A 40 -7.12 7.59 -2.66
C VAL A 40 -8.23 6.57 -2.90
N LYS A 41 -9.24 6.98 -3.64
CA LYS A 41 -10.35 6.07 -3.92
C LYS A 41 -9.91 4.92 -4.80
N GLU A 42 -9.07 5.21 -5.79
CA GLU A 42 -8.59 4.17 -6.69
C GLU A 42 -7.72 3.19 -5.92
N LEU A 43 -6.94 3.70 -4.98
CA LEU A 43 -6.08 2.88 -4.16
C LEU A 43 -6.89 1.85 -3.37
N MET A 44 -8.00 2.29 -2.80
CA MET A 44 -8.84 1.37 -2.03
C MET A 44 -9.46 0.30 -2.94
N THR A 45 -9.89 0.71 -4.12
CA THR A 45 -10.48 -0.22 -5.08
C THR A 45 -9.45 -1.25 -5.48
N ILE A 46 -8.24 -0.78 -5.77
CA ILE A 46 -7.16 -1.69 -6.15
C ILE A 46 -6.93 -2.69 -5.01
N LEU A 47 -6.85 -2.20 -3.78
CA LEU A 47 -6.66 -3.09 -2.63
C LEU A 47 -7.78 -4.11 -2.51
N SER A 48 -9.01 -3.69 -2.80
CA SER A 48 -10.15 -4.62 -2.69
C SER A 48 -10.00 -5.82 -3.63
N ARG A 49 -9.20 -5.66 -4.69
CA ARG A 49 -8.98 -6.78 -5.62
C ARG A 49 -7.63 -7.44 -5.42
N MET A 50 -6.61 -6.62 -5.16
CA MET A 50 -5.23 -7.08 -5.03
C MET A 50 -4.63 -7.46 -3.67
N TYR A 51 -5.25 -7.08 -2.55
CA TYR A 51 -4.68 -7.43 -1.26
C TYR A 51 -4.29 -8.90 -1.23
N PRO A 52 -2.99 -9.20 -0.98
CA PRO A 52 -2.36 -10.53 -0.91
C PRO A 52 -2.88 -11.60 0.05
N CYS A 53 -4.08 -11.44 0.59
CA CYS A 53 -4.66 -12.46 1.46
C CYS A 53 -6.09 -12.62 0.94
N ARG A 54 -6.32 -13.75 0.27
CA ARG A 54 -7.62 -14.07 -0.33
C ARG A 54 -8.87 -13.61 0.43
N GLU A 55 -9.18 -14.26 1.54
CA GLU A 55 -10.36 -13.90 2.32
C GLU A 55 -10.37 -12.43 2.75
N CYS A 56 -9.22 -11.94 3.22
CA CYS A 56 -9.09 -10.57 3.66
C CYS A 56 -9.53 -9.60 2.55
N ALA A 57 -9.16 -9.91 1.33
CA ALA A 57 -9.51 -9.07 0.19
C ALA A 57 -11.01 -9.10 -0.10
N ASP A 58 -11.65 -10.24 0.11
CA ASP A 58 -13.08 -10.36 -0.12
C ASP A 58 -13.83 -9.50 0.89
N HIS A 59 -13.42 -9.58 2.15
CA HIS A 59 -14.06 -8.80 3.21
C HIS A 59 -13.91 -7.32 2.97
N PHE A 60 -12.72 -6.91 2.57
CA PHE A 60 -12.45 -5.51 2.29
C PHE A 60 -13.35 -5.05 1.16
N LYS A 61 -13.54 -5.92 0.18
CA LYS A 61 -14.38 -5.63 -0.97
C LYS A 61 -15.81 -5.36 -0.49
N GLU A 62 -16.33 -6.22 0.38
CA GLU A 62 -17.66 -6.07 0.95
C GLU A 62 -17.75 -4.75 1.70
N ILE A 63 -16.84 -4.56 2.66
CA ILE A 63 -16.81 -3.34 3.44
C ILE A 63 -16.76 -2.12 2.55
N LEU A 64 -15.96 -2.18 1.50
CA LEU A 64 -15.83 -1.06 0.58
C LEU A 64 -17.15 -0.81 -0.18
N ARG A 65 -17.85 -1.89 -0.55
CA ARG A 65 -19.12 -1.77 -1.25
C ARG A 65 -20.12 -0.97 -0.44
N SER A 66 -20.37 -1.41 0.78
CA SER A 66 -21.32 -0.76 1.68
C SER A 66 -20.83 0.51 2.37
N ASN A 67 -19.51 0.72 2.41
CA ASN A 67 -18.94 1.91 3.05
C ASN A 67 -17.88 2.55 2.16
N PRO A 68 -18.30 3.21 1.07
CA PRO A 68 -17.33 3.84 0.17
C PRO A 68 -16.38 4.81 0.88
N ALA A 69 -15.15 4.88 0.38
CA ALA A 69 -14.14 5.75 0.97
C ALA A 69 -14.56 7.21 1.03
N GLN A 70 -14.35 7.84 2.19
CA GLN A 70 -14.68 9.25 2.38
C GLN A 70 -13.35 9.99 2.23
N ALA A 71 -13.10 10.53 1.05
CA ALA A 71 -11.84 11.22 0.78
C ALA A 71 -11.96 12.73 0.66
N GLY A 72 -13.06 13.28 1.17
CA GLY A 72 -13.27 14.71 1.09
C GLY A 72 -12.23 15.54 1.80
N SER A 73 -11.58 14.96 2.81
CA SER A 73 -10.56 15.67 3.58
C SER A 73 -9.80 14.73 4.50
N GLN A 74 -8.77 15.25 5.15
CA GLN A 74 -7.94 14.47 6.06
C GLN A 74 -8.76 13.81 7.17
N GLU A 75 -9.70 14.57 7.74
CA GLU A 75 -10.52 14.03 8.83
C GLU A 75 -11.44 12.91 8.38
N GLU A 76 -12.11 13.08 7.23
CA GLU A 76 -13.03 12.06 6.75
C GLU A 76 -12.29 10.77 6.36
N PHE A 77 -11.12 10.91 5.76
CA PHE A 77 -10.33 9.75 5.33
C PHE A 77 -9.75 9.01 6.54
N SER A 78 -9.18 9.76 7.48
CA SER A 78 -8.61 9.16 8.70
C SER A 78 -9.68 8.37 9.42
N GLN A 79 -10.84 9.00 9.62
CA GLN A 79 -11.94 8.36 10.32
C GLN A 79 -12.42 7.14 9.56
N TRP A 80 -12.75 7.34 8.29
CA TRP A 80 -13.24 6.25 7.46
C TRP A 80 -12.31 5.03 7.55
N LEU A 81 -11.02 5.27 7.40
CA LEU A 81 -10.04 4.18 7.44
C LEU A 81 -10.04 3.49 8.80
N CYS A 82 -10.32 4.25 9.86
CA CYS A 82 -10.37 3.70 11.21
C CYS A 82 -11.62 2.85 11.38
N HIS A 83 -12.73 3.29 10.78
CA HIS A 83 -13.98 2.54 10.88
C HIS A 83 -13.85 1.23 10.12
N VAL A 84 -13.19 1.30 8.97
CA VAL A 84 -12.98 0.12 8.16
C VAL A 84 -12.13 -0.86 8.95
N HIS A 85 -11.03 -0.37 9.52
CA HIS A 85 -10.16 -1.23 10.31
C HIS A 85 -10.94 -1.84 11.48
N ASN A 86 -11.87 -1.10 12.07
CA ASN A 86 -12.65 -1.64 13.19
C ASN A 86 -13.58 -2.77 12.79
N THR A 87 -14.16 -2.69 11.60
CA THR A 87 -15.04 -3.76 11.13
C THR A 87 -14.24 -5.05 11.07
N VAL A 88 -12.98 -4.96 10.66
CA VAL A 88 -12.12 -6.13 10.60
C VAL A 88 -11.81 -6.57 12.04
N ASN A 89 -11.44 -5.62 12.89
CA ASN A 89 -11.15 -5.92 14.29
C ASN A 89 -12.32 -6.68 14.94
N ARG A 90 -13.52 -6.14 14.78
CA ARG A 90 -14.71 -6.75 15.34
C ARG A 90 -14.92 -8.16 14.83
N SER A 91 -14.80 -8.36 13.51
CA SER A 91 -15.00 -9.68 12.95
C SER A 91 -14.01 -10.71 13.49
N LEU A 92 -12.85 -10.22 13.94
CA LEU A 92 -11.81 -11.09 14.47
C LEU A 92 -11.77 -11.16 16.00
N GLY A 93 -12.75 -10.53 16.65
CA GLY A 93 -12.77 -10.54 18.11
C GLY A 93 -11.61 -9.78 18.72
N LYS A 94 -11.24 -8.67 18.11
CA LYS A 94 -10.15 -7.84 18.60
C LYS A 94 -10.72 -6.54 19.14
N LEU A 95 -9.93 -5.81 19.91
CA LEU A 95 -10.37 -4.53 20.47
C LEU A 95 -10.75 -3.58 19.33
N VAL A 96 -11.70 -2.68 19.60
CA VAL A 96 -12.16 -1.69 18.62
C VAL A 96 -11.58 -0.34 19.07
N PHE A 97 -10.85 0.29 18.16
CA PHE A 97 -10.16 1.55 18.40
C PHE A 97 -11.07 2.75 18.34
N PRO A 98 -10.94 3.70 19.28
CA PRO A 98 -11.77 4.92 19.29
C PRO A 98 -11.25 5.87 18.21
N CYS A 99 -12.01 5.97 17.12
CA CYS A 99 -11.59 6.78 16.00
C CYS A 99 -11.40 8.27 16.22
N GLU A 100 -11.52 8.72 17.46
CA GLU A 100 -11.34 10.13 17.75
C GLU A 100 -9.88 10.34 18.09
N ARG A 101 -9.20 9.22 18.32
CA ARG A 101 -7.79 9.24 18.67
C ARG A 101 -6.89 8.84 17.51
N VAL A 102 -7.44 8.57 16.33
CA VAL A 102 -6.57 8.16 15.21
C VAL A 102 -5.42 9.12 15.02
N ASP A 103 -5.70 10.42 15.04
CA ASP A 103 -4.66 11.43 14.87
C ASP A 103 -3.63 11.39 15.99
N ALA A 104 -4.01 10.82 17.13
CA ALA A 104 -3.07 10.72 18.25
C ALA A 104 -2.20 9.48 18.05
N ARG A 105 -2.77 8.47 17.40
CA ARG A 105 -2.05 7.22 17.13
C ARG A 105 -1.21 7.31 15.85
N TRP A 106 -1.68 8.09 14.87
CA TRP A 106 -0.95 8.26 13.61
C TRP A 106 -0.76 9.74 13.29
N GLY A 107 0.47 10.24 13.45
CA GLY A 107 0.73 11.64 13.16
C GLY A 107 1.28 11.89 11.77
N PRO B 7 3.83 6.99 16.79
CA PRO B 7 4.94 7.81 16.26
C PRO B 7 5.74 7.07 15.18
N VAL B 8 5.07 6.74 14.07
CA VAL B 8 5.72 6.03 12.97
C VAL B 8 6.81 6.86 12.32
N THR B 9 7.95 6.22 12.07
CA THR B 9 9.09 6.89 11.45
C THR B 9 9.23 6.55 9.97
N LYS B 10 9.94 7.43 9.27
CA LYS B 10 10.25 7.32 7.84
C LYS B 10 10.70 5.89 7.52
N GLU B 11 11.42 5.27 8.46
CA GLU B 11 11.93 3.93 8.30
C GLU B 11 10.88 2.83 8.54
N ASP B 12 9.94 3.07 9.44
CA ASP B 12 8.89 2.10 9.71
C ASP B 12 7.90 2.15 8.55
N LEU B 13 7.73 3.35 7.98
CA LEU B 13 6.84 3.50 6.85
C LEU B 13 7.41 2.69 5.68
N GLY B 14 8.70 2.89 5.41
CA GLY B 14 9.36 2.18 4.33
C GLY B 14 9.27 0.66 4.48
N ARG B 15 9.60 0.15 5.65
CA ARG B 15 9.55 -1.29 5.87
C ARG B 15 8.13 -1.84 5.68
N ALA B 16 7.15 -1.11 6.19
CA ALA B 16 5.77 -1.56 6.06
C ALA B 16 5.41 -1.62 4.59
N THR B 17 5.74 -0.57 3.88
CA THR B 17 5.42 -0.50 2.46
C THR B 17 6.07 -1.60 1.63
N TRP B 18 7.38 -1.79 1.77
CA TRP B 18 8.06 -2.86 1.03
C TRP B 18 7.48 -4.22 1.36
N THR B 19 7.10 -4.43 2.61
CA THR B 19 6.51 -5.71 3.00
C THR B 19 5.21 -5.89 2.23
N PHE B 20 4.44 -4.83 2.11
CA PHE B 20 3.18 -4.88 1.39
C PHE B 20 3.44 -5.14 -0.10
N LEU B 21 4.24 -4.28 -0.71
CA LEU B 21 4.56 -4.39 -2.12
C LEU B 21 5.11 -5.75 -2.51
N HIS B 22 6.18 -6.15 -1.86
CA HIS B 22 6.82 -7.42 -2.14
C HIS B 22 5.91 -8.62 -1.92
N THR B 23 5.02 -8.54 -0.93
CA THR B 23 4.11 -9.65 -0.70
C THR B 23 3.09 -9.64 -1.85
N LEU B 24 2.68 -8.44 -2.24
CA LEU B 24 1.74 -8.29 -3.34
C LEU B 24 2.39 -8.87 -4.60
N ALA B 25 3.65 -8.56 -4.83
CA ALA B 25 4.35 -9.07 -6.01
C ALA B 25 4.61 -10.58 -5.93
N ALA B 26 4.60 -11.14 -4.73
CA ALA B 26 4.83 -12.58 -4.56
C ALA B 26 3.54 -13.37 -4.82
N GLN B 27 2.39 -12.69 -4.71
CA GLN B 27 1.09 -13.31 -4.92
C GLN B 27 0.47 -12.98 -6.28
N TYR B 28 1.15 -12.12 -7.04
CA TYR B 28 0.68 -11.74 -8.36
C TYR B 28 0.58 -13.04 -9.17
N PRO B 29 -0.43 -13.16 -10.04
CA PRO B 29 -0.58 -14.39 -10.81
C PRO B 29 0.44 -14.56 -11.96
N GLU B 30 0.66 -15.81 -12.35
CA GLU B 30 1.59 -16.15 -13.42
C GLU B 30 1.09 -15.52 -14.72
N LYS B 31 -0.22 -15.53 -14.92
CA LYS B 31 -0.84 -14.97 -16.10
C LYS B 31 -1.91 -13.96 -15.69
N PRO B 32 -1.48 -12.76 -15.29
CA PRO B 32 -2.42 -11.73 -14.88
C PRO B 32 -3.43 -11.36 -15.97
N THR B 33 -4.59 -10.88 -15.55
CA THR B 33 -5.63 -10.47 -16.49
C THR B 33 -5.28 -9.06 -16.91
N ARG B 34 -6.06 -8.50 -17.82
CA ARG B 34 -5.82 -7.15 -18.28
C ARG B 34 -6.03 -6.19 -17.13
N GLN B 35 -7.01 -6.48 -16.27
CA GLN B 35 -7.28 -5.59 -15.16
C GLN B 35 -6.17 -5.63 -14.11
N GLN B 36 -5.72 -6.83 -13.76
CA GLN B 36 -4.67 -7.00 -12.78
C GLN B 36 -3.39 -6.27 -13.18
N LYS B 37 -3.03 -6.32 -14.47
CA LYS B 37 -1.84 -5.64 -14.95
C LYS B 37 -2.08 -4.15 -14.75
N LYS B 38 -3.25 -3.69 -15.19
CA LYS B 38 -3.60 -2.29 -15.07
C LYS B 38 -3.61 -1.79 -13.62
N ASP B 39 -4.16 -2.59 -12.71
CA ASP B 39 -4.21 -2.19 -11.31
C ASP B 39 -2.85 -2.10 -10.67
N VAL B 40 -1.98 -3.07 -10.97
CA VAL B 40 -0.63 -3.08 -10.44
C VAL B 40 0.14 -1.86 -10.92
N LYS B 41 -0.02 -1.53 -12.19
CA LYS B 41 0.66 -0.37 -12.74
C LYS B 41 0.15 0.92 -12.13
N GLU B 42 -1.17 1.06 -12.07
CA GLU B 42 -1.77 2.26 -11.51
C GLU B 42 -1.39 2.36 -10.03
N LEU B 43 -1.22 1.21 -9.39
CA LEU B 43 -0.83 1.19 -8.01
C LEU B 43 0.53 1.87 -7.80
N MET B 44 1.48 1.62 -8.70
CA MET B 44 2.79 2.24 -8.54
C MET B 44 2.68 3.73 -8.81
N THR B 45 1.90 4.10 -9.83
CA THR B 45 1.71 5.52 -10.14
C THR B 45 1.11 6.23 -8.94
N ILE B 46 0.09 5.64 -8.33
CA ILE B 46 -0.54 6.26 -7.17
C ILE B 46 0.49 6.48 -6.07
N LEU B 47 1.35 5.48 -5.88
CA LEU B 47 2.40 5.56 -4.86
C LEU B 47 3.37 6.70 -5.09
N SER B 48 3.80 6.90 -6.34
CA SER B 48 4.76 7.96 -6.62
C SER B 48 4.20 9.37 -6.38
N ARG B 49 2.88 9.50 -6.29
CA ARG B 49 2.28 10.81 -6.05
C ARG B 49 1.93 10.96 -4.57
N MET B 50 1.39 9.88 -4.04
CA MET B 50 0.87 9.78 -2.69
C MET B 50 1.78 9.33 -1.53
N TYR B 51 2.94 8.74 -1.83
CA TYR B 51 3.81 8.28 -0.76
C TYR B 51 4.11 9.41 0.23
N PRO B 52 3.74 9.20 1.50
CA PRO B 52 3.92 10.15 2.60
C PRO B 52 5.17 11.03 2.54
N CYS B 53 6.33 10.49 2.87
CA CYS B 53 7.55 11.30 2.83
C CYS B 53 7.70 11.98 1.46
N ARG B 54 7.65 13.31 1.47
CA ARG B 54 7.76 14.13 0.26
C ARG B 54 8.91 13.77 -0.67
N GLU B 55 10.15 13.95 -0.21
CA GLU B 55 11.33 13.64 -1.01
C GLU B 55 11.23 12.22 -1.59
N CYS B 56 10.83 11.28 -0.75
CA CYS B 56 10.69 9.89 -1.15
C CYS B 56 9.75 9.74 -2.35
N ALA B 57 8.65 10.49 -2.33
CA ALA B 57 7.67 10.43 -3.41
C ALA B 57 8.31 10.88 -4.72
N ASP B 58 9.03 11.99 -4.66
CA ASP B 58 9.70 12.51 -5.84
C ASP B 58 10.79 11.59 -6.36
N HIS B 59 11.56 10.99 -5.46
CA HIS B 59 12.63 10.07 -5.87
C HIS B 59 12.02 8.86 -6.58
N PHE B 60 11.00 8.27 -5.98
CA PHE B 60 10.34 7.11 -6.57
C PHE B 60 9.71 7.47 -7.92
N LYS B 61 9.24 8.71 -8.05
CA LYS B 61 8.61 9.17 -9.28
C LYS B 61 9.58 9.21 -10.46
N GLU B 62 10.83 9.55 -10.19
CA GLU B 62 11.85 9.61 -11.23
C GLU B 62 12.27 8.19 -11.63
N ILE B 63 12.30 7.30 -10.65
CA ILE B 63 12.67 5.91 -10.90
C ILE B 63 11.62 5.24 -11.77
N LEU B 64 10.35 5.51 -11.47
CA LEU B 64 9.26 4.94 -12.24
C LEU B 64 9.24 5.53 -13.65
N ARG B 65 9.77 6.73 -13.80
CA ARG B 65 9.82 7.37 -15.13
C ARG B 65 10.68 6.52 -16.06
N SER B 66 11.93 6.32 -15.66
CA SER B 66 12.88 5.55 -16.45
C SER B 66 12.80 4.04 -16.29
N ASN B 67 11.89 3.56 -15.45
CA ASN B 67 11.73 2.13 -15.24
C ASN B 67 10.26 1.80 -15.08
N PRO B 68 9.44 2.04 -16.11
CA PRO B 68 8.01 1.75 -16.03
C PRO B 68 7.79 0.34 -15.52
N ALA B 69 6.75 0.17 -14.70
CA ALA B 69 6.46 -1.12 -14.11
C ALA B 69 6.16 -2.19 -15.15
N GLN B 70 6.66 -3.40 -14.89
CA GLN B 70 6.45 -4.54 -15.76
C GLN B 70 5.58 -5.52 -15.00
N ALA B 71 4.39 -5.77 -15.52
CA ALA B 71 3.46 -6.66 -14.83
C ALA B 71 2.94 -7.79 -15.69
N GLY B 72 3.75 -8.24 -16.63
CA GLY B 72 3.33 -9.33 -17.51
C GLY B 72 3.14 -10.65 -16.81
N SER B 73 3.79 -10.82 -15.66
CA SER B 73 3.69 -12.06 -14.89
C SER B 73 4.30 -11.89 -13.51
N GLN B 74 4.10 -12.88 -12.65
CA GLN B 74 4.62 -12.84 -11.30
C GLN B 74 6.14 -12.61 -11.31
N GLU B 75 6.83 -13.42 -12.09
CA GLU B 75 8.29 -13.34 -12.20
C GLU B 75 8.81 -11.97 -12.63
N GLU B 76 8.20 -11.40 -13.66
CA GLU B 76 8.61 -10.10 -14.16
C GLU B 76 8.31 -9.00 -13.14
N PHE B 77 7.13 -9.06 -12.54
CA PHE B 77 6.74 -8.06 -11.55
C PHE B 77 7.65 -8.18 -10.32
N SER B 78 7.85 -9.40 -9.84
CA SER B 78 8.73 -9.61 -8.69
C SER B 78 10.09 -9.01 -9.01
N GLN B 79 10.66 -9.45 -10.13
CA GLN B 79 11.96 -8.96 -10.55
C GLN B 79 12.03 -7.43 -10.70
N TRP B 80 11.05 -6.85 -11.38
CA TRP B 80 11.06 -5.40 -11.56
C TRP B 80 11.05 -4.70 -10.20
N LEU B 81 10.16 -5.15 -9.31
CA LEU B 81 10.05 -4.57 -7.98
C LEU B 81 11.36 -4.71 -7.22
N CYS B 82 12.00 -5.86 -7.37
CA CYS B 82 13.27 -6.10 -6.69
C CYS B 82 14.33 -5.11 -7.17
N HIS B 83 14.38 -4.87 -8.47
CA HIS B 83 15.38 -3.93 -8.97
C HIS B 83 15.07 -2.52 -8.53
N VAL B 84 13.81 -2.13 -8.61
CA VAL B 84 13.41 -0.79 -8.21
C VAL B 84 13.73 -0.55 -6.73
N HIS B 85 13.77 -1.61 -5.94
CA HIS B 85 14.08 -1.50 -4.52
C HIS B 85 15.59 -1.41 -4.27
N ASN B 86 16.38 -2.12 -5.06
CA ASN B 86 17.84 -2.05 -4.91
C ASN B 86 18.31 -0.66 -5.28
N THR B 87 17.65 -0.08 -6.28
CA THR B 87 17.96 1.28 -6.72
C THR B 87 17.79 2.23 -5.57
N VAL B 88 16.79 1.95 -4.73
CA VAL B 88 16.52 2.80 -3.57
C VAL B 88 17.54 2.52 -2.48
N ASN B 89 17.83 1.24 -2.20
CA ASN B 89 18.81 0.90 -1.18
C ASN B 89 20.13 1.57 -1.50
N ARG B 90 20.52 1.47 -2.76
CA ARG B 90 21.77 2.06 -3.22
C ARG B 90 21.84 3.53 -2.85
N SER B 91 20.89 4.33 -3.35
CA SER B 91 20.89 5.76 -3.07
C SER B 91 20.87 6.07 -1.57
N LEU B 92 20.49 5.10 -0.75
CA LEU B 92 20.46 5.30 0.70
C LEU B 92 21.69 4.75 1.42
N GLY B 93 22.62 4.18 0.65
CA GLY B 93 23.83 3.62 1.23
C GLY B 93 23.64 2.27 1.88
N LYS B 94 22.55 1.59 1.55
CA LYS B 94 22.24 0.28 2.11
C LYS B 94 22.78 -0.87 1.27
N LEU B 95 22.80 -2.06 1.87
CA LEU B 95 23.26 -3.25 1.18
C LEU B 95 22.28 -3.61 0.08
N VAL B 96 22.82 -4.14 -1.01
CA VAL B 96 22.02 -4.53 -2.16
C VAL B 96 21.55 -5.98 -2.05
N PHE B 97 20.31 -6.18 -2.41
CA PHE B 97 19.65 -7.48 -2.35
C PHE B 97 19.74 -8.20 -3.72
N PRO B 98 20.34 -9.39 -3.75
CA PRO B 98 20.44 -10.11 -5.03
C PRO B 98 19.05 -10.50 -5.50
N CYS B 99 18.65 -10.01 -6.66
CA CYS B 99 17.30 -10.26 -7.18
C CYS B 99 16.90 -11.61 -7.71
N GLU B 100 17.45 -12.68 -7.13
CA GLU B 100 17.06 -14.03 -7.53
C GLU B 100 16.42 -14.55 -6.25
N ARG B 101 16.75 -13.85 -5.17
CA ARG B 101 16.31 -14.14 -3.81
C ARG B 101 14.98 -13.47 -3.41
N VAL B 102 14.25 -12.89 -4.37
CA VAL B 102 12.99 -12.23 -4.01
C VAL B 102 11.97 -13.21 -3.44
N ASP B 103 11.79 -14.35 -4.10
CA ASP B 103 10.84 -15.35 -3.62
C ASP B 103 11.33 -15.97 -2.32
N ALA B 104 12.34 -15.34 -1.73
CA ALA B 104 12.95 -15.80 -0.47
C ALA B 104 12.41 -14.99 0.69
N ARG B 105 12.71 -13.70 0.65
CA ARG B 105 12.28 -12.79 1.70
C ARG B 105 10.75 -12.66 1.68
N TRP B 106 10.13 -13.03 0.55
CA TRP B 106 8.69 -12.92 0.39
C TRP B 106 7.98 -14.23 0.06
#